data_7CAN
#
_entry.id   7CAN
#
_cell.length_a   74.191
_cell.length_b   74.191
_cell.length_c   158.404
_cell.angle_alpha   90.000
_cell.angle_beta   90.000
_cell.angle_gamma   120.000
#
_symmetry.space_group_name_H-M   'P 32 2 1'
#
loop_
_entity.id
_entity.type
_entity.pdbx_description
1 polymer 'sybody MR17-K99Y'
2 polymer 'Spike protein S1'
3 branched 2-acetamido-2-deoxy-beta-D-glucopyranose-(1-4)-[alpha-L-fucopyranose-(1-6)]2-acetamido-2-deoxy-beta-D-glucopyranose
4 non-polymer GLYCEROL
#
loop_
_entity_poly.entity_id
_entity_poly.type
_entity_poly.pdbx_seq_one_letter_code
_entity_poly.pdbx_strand_id
1 'polypeptide(L)'
;GSSSQVQLVESGGGLVQAGGSLRLSCAASGFPVEVWRMEWYRQAPGKEREGVAAIESYGHGTRYADSVKGRFTISRDNAK
NTVYLQMNSLKPEDTAVYYCNVYDDGQLAYHYDYWGQGTQVTVSAGRAGEQKLISEEDLNSAVDHHHHHH
;
A
2 'polypeptide(L)'
;AGSPNITNLCPFGEVFNATRFASVYAWNRKRISNCVADYSVLYNSASFSTFKCYGVSPTKLNDLCFTNVYADSFVIRGDE
VRQIAPGQTGKIADYNYKLPDDFTGCVIAWNSNNLDSKVGGNYNYLYRLFRKSNLKPFERDISTEIYQAGSTPCNGVEGF
NCYFPLQSYGFQPTNGVGYQPYRVVVLSFELLHAPATVCGPKKSTGTLEVLFQ
;
B
#
loop_
_chem_comp.id
_chem_comp.type
_chem_comp.name
_chem_comp.formula
FUC L-saccharide, alpha linking alpha-L-fucopyranose 'C6 H12 O5'
GOL non-polymer GLYCEROL 'C3 H8 O3'
NAG D-saccharide, beta linking 2-acetamido-2-deoxy-beta-D-glucopyranose 'C8 H15 N O6'
#
# COMPACT_ATOMS: atom_id res chain seq x y z
N GLN A 5 12.86 16.50 7.29
CA GLN A 5 14.08 15.73 7.08
C GLN A 5 14.05 14.99 5.74
N VAL A 6 12.88 14.95 5.11
CA VAL A 6 12.69 14.21 3.87
C VAL A 6 13.06 15.11 2.70
N GLN A 7 13.87 14.58 1.78
CA GLN A 7 14.21 15.33 0.57
C GLN A 7 14.91 14.41 -0.43
N LEU A 8 14.83 14.81 -1.70
CA LEU A 8 15.55 14.20 -2.80
C LEU A 8 16.45 15.26 -3.44
N VAL A 9 17.64 14.86 -3.86
CA VAL A 9 18.63 15.79 -4.39
C VAL A 9 19.19 15.22 -5.69
N GLU A 10 18.99 15.94 -6.79
CA GLU A 10 19.51 15.54 -8.09
C GLU A 10 20.93 16.07 -8.27
N SER A 11 21.79 15.21 -8.81
CA SER A 11 23.16 15.59 -9.13
C SER A 11 23.49 15.04 -10.51
N GLY A 12 24.61 15.52 -11.06
CA GLY A 12 25.01 15.13 -12.39
C GLY A 12 24.30 15.94 -13.46
N GLY A 13 24.69 15.68 -14.69
CA GLY A 13 24.14 16.37 -15.84
C GLY A 13 25.14 17.32 -16.47
N GLY A 14 24.66 18.10 -17.41
CA GLY A 14 25.51 19.05 -18.12
C GLY A 14 25.48 18.88 -19.62
N LEU A 15 26.51 19.36 -20.30
CA LEU A 15 26.57 19.35 -21.76
C LEU A 15 27.36 18.16 -22.27
N VAL A 16 26.77 17.45 -23.23
CA VAL A 16 27.43 16.34 -23.93
C VAL A 16 26.86 16.34 -25.34
N GLN A 17 27.52 15.63 -26.25
CA GLN A 17 27.06 15.60 -27.63
C GLN A 17 26.46 14.26 -28.01
N ALA A 18 25.66 14.31 -29.07
CA ALA A 18 25.06 13.15 -29.71
C ALA A 18 26.00 11.96 -29.73
N GLY A 19 25.57 10.86 -29.12
CA GLY A 19 26.41 9.70 -28.94
C GLY A 19 27.13 9.63 -27.60
N GLY A 20 27.07 10.69 -26.79
CA GLY A 20 27.80 10.76 -25.55
C GLY A 20 27.10 10.06 -24.39
N SER A 21 27.76 10.11 -23.24
CA SER A 21 27.31 9.41 -22.04
C SER A 21 27.10 10.40 -20.91
N LEU A 22 26.33 9.98 -19.91
CA LEU A 22 25.99 10.80 -18.76
C LEU A 22 25.34 9.91 -17.69
N ARG A 23 25.49 10.32 -16.43
CA ARG A 23 24.85 9.60 -15.32
C ARG A 23 24.33 10.60 -14.31
N LEU A 24 23.04 10.52 -14.01
CA LEU A 24 22.39 11.34 -13.00
C LEU A 24 22.13 10.51 -11.75
N SER A 25 22.29 11.12 -10.58
CA SER A 25 22.05 10.46 -9.31
C SER A 25 21.04 11.25 -8.49
N CYS A 26 20.11 10.53 -7.86
CA CYS A 26 19.07 11.11 -7.03
C CYS A 26 19.27 10.59 -5.60
N ALA A 27 19.72 11.47 -4.71
CA ALA A 27 20.12 11.10 -3.35
C ALA A 27 18.97 11.41 -2.39
N ALA A 28 18.39 10.37 -1.81
CA ALA A 28 17.24 10.51 -0.93
C ALA A 28 17.65 10.49 0.53
N SER A 29 16.91 11.26 1.34
CA SER A 29 17.10 11.32 2.77
CA SER A 29 17.10 11.32 2.77
C SER A 29 15.77 11.11 3.47
N GLY A 30 15.80 10.43 4.61
CA GLY A 30 14.61 10.23 5.41
C GLY A 30 13.82 8.96 5.15
N PHE A 31 14.27 8.10 4.24
CA PHE A 31 13.59 6.85 3.94
C PHE A 31 14.52 5.98 3.12
N PRO A 32 14.35 4.66 3.18
CA PRO A 32 15.13 3.76 2.31
C PRO A 32 14.51 3.72 0.92
N VAL A 33 15.33 3.89 -0.11
CA VAL A 33 14.80 4.05 -1.46
C VAL A 33 14.28 2.77 -2.08
N GLU A 34 14.61 1.60 -1.50
CA GLU A 34 14.16 0.34 -2.07
C GLU A 34 12.76 -0.06 -1.61
N VAL A 35 12.18 0.63 -0.64
CA VAL A 35 10.86 0.21 -0.14
C VAL A 35 9.73 0.70 -1.03
N TRP A 36 9.93 1.77 -1.80
CA TRP A 36 8.93 2.24 -2.74
C TRP A 36 9.52 2.39 -4.13
N ARG A 37 8.64 2.51 -5.11
CA ARG A 37 9.05 2.72 -6.48
C ARG A 37 9.65 4.11 -6.65
N MET A 38 10.77 4.18 -7.34
CA MET A 38 11.45 5.44 -7.65
C MET A 38 11.36 5.72 -9.14
N GLU A 39 11.28 7.00 -9.49
CA GLU A 39 11.01 7.40 -10.87
C GLU A 39 11.94 8.52 -11.29
N TRP A 40 12.21 8.57 -12.59
CA TRP A 40 12.91 9.69 -13.22
C TRP A 40 11.98 10.33 -14.23
N TYR A 41 11.86 11.66 -14.17
CA TYR A 41 11.04 12.44 -15.09
C TYR A 41 11.93 13.44 -15.83
N ARG A 42 11.46 13.88 -16.99
CA ARG A 42 12.11 14.94 -17.74
C ARG A 42 11.06 15.82 -18.40
N GLN A 43 11.43 17.07 -18.64
CA GLN A 43 10.52 18.04 -19.26
C GLN A 43 11.31 18.94 -20.19
N ALA A 44 11.15 18.74 -21.49
CA ALA A 44 11.69 19.67 -22.47
C ALA A 44 10.96 21.01 -22.36
N PRO A 45 11.63 22.12 -22.70
CA PRO A 45 11.00 23.43 -22.46
C PRO A 45 9.65 23.61 -23.13
N GLY A 46 9.53 23.26 -24.41
CA GLY A 46 8.24 23.38 -25.07
C GLY A 46 7.25 22.35 -24.57
N LYS A 47 7.66 21.08 -24.50
CA LYS A 47 6.76 19.97 -24.28
C LYS A 47 6.39 19.85 -22.80
N GLU A 48 5.53 18.86 -22.50
CA GLU A 48 5.11 18.56 -21.14
C GLU A 48 6.05 17.52 -20.51
N ARG A 49 5.90 17.31 -19.21
CA ARG A 49 6.73 16.34 -18.50
C ARG A 49 6.47 14.92 -19.02
N GLU A 50 7.54 14.14 -19.11
CA GLU A 50 7.49 12.78 -19.61
C GLU A 50 8.18 11.86 -18.61
N GLY A 51 7.58 10.70 -18.35
CA GLY A 51 8.22 9.71 -17.52
C GLY A 51 9.21 8.90 -18.33
N VAL A 52 10.47 8.86 -17.90
CA VAL A 52 11.53 8.22 -18.68
C VAL A 52 11.86 6.83 -18.12
N ALA A 53 12.00 6.70 -16.80
CA ALA A 53 12.42 5.43 -16.23
C ALA A 53 11.94 5.32 -14.80
N ALA A 54 11.81 4.08 -14.33
CA ALA A 54 11.36 3.80 -12.98
C ALA A 54 11.87 2.43 -12.56
N ILE A 55 12.17 2.30 -11.27
CA ILE A 55 12.59 1.03 -10.68
C ILE A 55 11.66 0.73 -9.51
N GLU A 56 11.01 -0.43 -9.54
CA GLU A 56 10.00 -0.75 -8.56
C GLU A 56 10.64 -1.05 -7.20
N SER A 57 9.78 -1.18 -6.19
CA SER A 57 10.24 -1.52 -4.86
C SER A 57 10.91 -2.89 -4.86
N TYR A 58 11.94 -3.01 -4.03
CA TYR A 58 12.68 -4.27 -3.83
C TYR A 58 13.20 -4.75 -5.18
N GLY A 59 12.95 -5.99 -5.58
CA GLY A 59 13.44 -6.46 -6.87
C GLY A 59 12.34 -6.74 -7.86
N HIS A 60 11.30 -5.91 -7.84
CA HIS A 60 10.08 -6.18 -8.61
C HIS A 60 10.16 -5.69 -10.05
N GLY A 61 11.32 -5.23 -10.51
CA GLY A 61 11.54 -4.97 -11.91
C GLY A 61 11.87 -3.51 -12.18
N THR A 62 12.05 -3.22 -13.46
CA THR A 62 12.35 -1.89 -13.95
C THR A 62 11.41 -1.54 -15.09
N ARG A 63 11.17 -0.24 -15.27
CA ARG A 63 10.27 0.26 -16.30
C ARG A 63 10.99 1.33 -17.10
N TYR A 64 10.92 1.24 -18.42
CA TYR A 64 11.59 2.19 -19.31
C TYR A 64 10.62 2.66 -20.38
N ALA A 65 10.63 3.95 -20.66
CA ALA A 65 9.84 4.49 -21.75
C ALA A 65 10.39 4.00 -23.09
N ASP A 66 9.50 3.92 -24.09
CA ASP A 66 9.93 3.55 -25.43
C ASP A 66 10.99 4.52 -25.94
N SER A 67 10.92 5.79 -25.51
CA SER A 67 11.84 6.80 -26.00
C SER A 67 13.30 6.42 -25.73
N VAL A 68 13.55 5.75 -24.62
CA VAL A 68 14.92 5.61 -24.10
C VAL A 68 15.27 4.16 -23.80
N LYS A 69 14.39 3.23 -24.16
CA LYS A 69 14.63 1.83 -23.84
CA LYS A 69 14.63 1.83 -23.84
C LYS A 69 15.90 1.32 -24.52
N GLY A 70 16.69 0.56 -23.78
CA GLY A 70 17.95 0.03 -24.27
C GLY A 70 19.11 0.99 -24.25
N ARG A 71 18.85 2.29 -24.10
CA ARG A 71 19.89 3.31 -23.99
C ARG A 71 20.08 3.80 -22.56
N PHE A 72 18.99 4.04 -21.84
CA PHE A 72 19.03 4.43 -20.44
C PHE A 72 18.85 3.20 -19.55
N THR A 73 19.51 3.22 -18.39
CA THR A 73 19.35 2.15 -17.41
C THR A 73 19.35 2.74 -16.01
N ILE A 74 18.29 2.45 -15.25
CA ILE A 74 18.10 2.93 -13.88
C ILE A 74 18.60 1.88 -12.90
N SER A 75 19.15 2.33 -11.78
CA SER A 75 19.72 1.41 -10.80
C SER A 75 19.66 2.02 -9.41
N ARG A 76 19.83 1.17 -8.41
CA ARG A 76 19.64 1.55 -7.01
C ARG A 76 20.83 1.11 -6.18
N ASP A 77 21.38 2.04 -5.40
CA ASP A 77 22.46 1.76 -4.45
C ASP A 77 21.88 1.90 -3.06
N ASN A 78 21.60 0.76 -2.41
CA ASN A 78 21.01 0.78 -1.08
C ASN A 78 21.95 1.37 -0.05
N ALA A 79 23.26 1.26 -0.26
CA ALA A 79 24.21 1.78 0.71
C ALA A 79 24.26 3.31 0.67
N LYS A 80 24.31 3.88 -0.54
CA LYS A 80 24.32 5.32 -0.69
C LYS A 80 22.92 5.93 -0.69
N ASN A 81 21.88 5.12 -0.53
CA ASN A 81 20.49 5.56 -0.62
C ASN A 81 20.29 6.48 -1.82
N THR A 82 20.71 5.98 -2.98
CA THR A 82 20.77 6.77 -4.20
C THR A 82 20.24 5.94 -5.36
N VAL A 83 19.45 6.57 -6.22
CA VAL A 83 18.98 5.95 -7.45
C VAL A 83 19.68 6.65 -8.62
N TYR A 84 20.34 5.86 -9.47
CA TYR A 84 21.12 6.37 -10.59
C TYR A 84 20.37 6.14 -11.91
N LEU A 85 20.63 7.02 -12.87
CA LEU A 85 20.13 6.86 -14.23
C LEU A 85 21.29 7.06 -15.20
N GLN A 86 21.74 5.97 -15.82
CA GLN A 86 22.82 6.03 -16.80
C GLN A 86 22.24 6.31 -18.17
N MET A 87 22.76 7.34 -18.83
CA MET A 87 22.24 7.79 -20.13
C MET A 87 23.33 7.62 -21.19
N ASN A 88 23.10 6.68 -22.10
CA ASN A 88 24.03 6.35 -23.17
C ASN A 88 23.37 6.59 -24.51
N SER A 89 24.19 6.83 -25.53
CA SER A 89 23.74 7.07 -26.90
C SER A 89 22.73 8.21 -26.95
N LEU A 90 23.12 9.35 -26.37
CA LEU A 90 22.20 10.46 -26.20
C LEU A 90 21.93 11.15 -27.53
N LYS A 91 20.63 11.36 -27.85
CA LYS A 91 20.09 12.01 -29.03
C LYS A 91 19.57 13.41 -28.68
N PRO A 92 19.65 14.37 -29.63
CA PRO A 92 19.34 15.77 -29.29
C PRO A 92 17.99 16.00 -28.63
N GLU A 93 17.01 15.11 -28.86
CA GLU A 93 15.70 15.27 -28.23
C GLU A 93 15.72 14.95 -26.74
N ASP A 94 16.79 14.36 -26.22
CA ASP A 94 16.86 14.06 -24.79
C ASP A 94 17.20 15.27 -23.94
N THR A 95 17.32 16.45 -24.54
CA THR A 95 17.55 17.67 -23.80
C THR A 95 16.31 18.05 -22.99
N ALA A 96 16.49 18.23 -21.68
CA ALA A 96 15.39 18.61 -20.81
C ALA A 96 15.97 18.88 -19.43
N VAL A 97 15.14 19.27 -18.50
CA VAL A 97 15.50 19.21 -17.09
C VAL A 97 15.03 17.87 -16.57
N TYR A 98 15.83 17.24 -15.71
CA TYR A 98 15.53 15.90 -15.23
C TYR A 98 15.20 15.93 -13.74
N TYR A 99 14.04 15.37 -13.39
CA TYR A 99 13.57 15.32 -12.02
C TYR A 99 13.41 13.87 -11.58
N CYS A 100 13.65 13.62 -10.30
CA CYS A 100 13.34 12.33 -9.68
C CYS A 100 12.23 12.52 -8.66
N ASN A 101 11.43 11.46 -8.47
CA ASN A 101 10.30 11.49 -7.57
C ASN A 101 10.16 10.14 -6.88
N VAL A 102 9.61 10.17 -5.67
CA VAL A 102 9.25 8.95 -4.95
C VAL A 102 7.76 8.72 -5.10
N TYR A 103 7.39 7.49 -5.44
CA TYR A 103 5.97 7.13 -5.41
C TYR A 103 5.61 6.64 -4.02
N ASP A 104 5.53 7.61 -3.11
CA ASP A 104 5.22 7.32 -1.71
C ASP A 104 3.72 7.20 -1.46
N ASP A 105 2.88 7.76 -2.33
CA ASP A 105 1.43 7.67 -2.22
C ASP A 105 0.92 8.18 -0.86
N GLY A 106 1.61 9.15 -0.28
CA GLY A 106 1.17 9.75 0.96
C GLY A 106 1.70 9.11 2.22
N GLN A 107 2.55 8.09 2.12
CA GLN A 107 3.20 7.54 3.31
C GLN A 107 4.36 8.40 3.79
N LEU A 108 4.59 9.55 3.15
CA LEU A 108 5.61 10.52 3.53
C LEU A 108 4.93 11.85 3.85
N ALA A 109 5.74 12.88 4.08
CA ALA A 109 5.22 14.22 4.34
C ALA A 109 5.95 15.28 3.55
N TYR A 110 6.71 14.90 2.51
CA TYR A 110 7.65 15.83 1.90
C TYR A 110 6.98 16.75 0.88
N HIS A 111 6.15 16.17 0.01
CA HIS A 111 5.60 16.80 -1.20
C HIS A 111 5.98 18.27 -1.46
N GLN A 117 14.56 20.09 -7.02
CA GLN A 117 14.88 21.30 -7.76
C GLN A 117 15.06 21.00 -9.25
N GLY A 118 15.73 19.90 -9.56
CA GLY A 118 15.93 19.47 -10.93
C GLY A 118 17.35 19.74 -11.42
N THR A 119 17.71 19.06 -12.50
CA THR A 119 19.01 19.23 -13.12
C THR A 119 18.86 19.23 -14.63
N GLN A 120 19.70 20.03 -15.28
CA GLN A 120 19.60 20.30 -16.72
C GLN A 120 20.57 19.42 -17.49
N VAL A 121 20.10 18.87 -18.60
CA VAL A 121 20.92 18.04 -19.48
C VAL A 121 20.74 18.56 -20.91
N THR A 122 21.84 18.94 -21.56
CA THR A 122 21.76 19.43 -22.93
C THR A 122 22.72 18.63 -23.80
N VAL A 123 22.20 18.16 -24.93
CA VAL A 123 22.86 17.24 -25.84
C VAL A 123 22.76 17.84 -27.23
N SER A 124 23.91 18.13 -27.83
CA SER A 124 23.97 18.87 -29.07
C SER A 124 24.03 17.91 -30.25
N ALA A 125 23.86 18.46 -31.45
CA ALA A 125 23.81 17.65 -32.67
C ALA A 125 25.18 17.58 -33.35
N GLY A 126 25.76 18.72 -33.68
CA GLY A 126 27.03 18.76 -34.37
C GLY A 126 26.91 19.29 -35.78
N THR B 7 -20.97 -24.66 26.26
CA THR B 7 -19.97 -25.34 27.08
C THR B 7 -18.59 -24.75 26.84
N ASN B 8 -18.15 -24.74 25.59
CA ASN B 8 -16.84 -24.24 25.22
C ASN B 8 -16.92 -22.76 24.85
N LEU B 9 -15.94 -22.00 25.31
CA LEU B 9 -15.84 -20.57 25.05
C LEU B 9 -15.08 -20.36 23.74
N CYS B 10 -15.60 -19.43 22.92
CA CYS B 10 -15.06 -19.14 21.60
C CYS B 10 -13.64 -18.58 21.70
N PRO B 11 -12.68 -19.10 20.90
CA PRO B 11 -11.26 -18.71 21.07
C PRO B 11 -10.94 -17.33 20.49
N PHE B 12 -11.49 -16.28 21.10
CA PHE B 12 -11.22 -14.93 20.62
C PHE B 12 -9.77 -14.53 20.86
N GLY B 13 -9.13 -15.12 21.87
CA GLY B 13 -7.72 -14.84 22.10
C GLY B 13 -6.84 -15.20 20.92
N GLU B 14 -7.23 -16.22 20.15
CA GLU B 14 -6.43 -16.62 19.00
C GLU B 14 -6.41 -15.53 17.94
N VAL B 15 -7.44 -14.68 17.90
CA VAL B 15 -7.57 -13.69 16.84
C VAL B 15 -7.01 -12.36 17.30
N PHE B 16 -7.52 -11.84 18.43
CA PHE B 16 -7.10 -10.52 18.89
C PHE B 16 -5.68 -10.53 19.42
N ASN B 17 -5.25 -11.64 20.02
CA ASN B 17 -3.94 -11.73 20.64
C ASN B 17 -2.91 -12.45 19.78
N ALA B 18 -3.15 -12.53 18.47
CA ALA B 18 -2.22 -13.21 17.59
C ALA B 18 -0.87 -12.50 17.57
N THR B 19 0.18 -13.27 17.27
CA THR B 19 1.53 -12.71 17.27
C THR B 19 1.79 -11.88 16.03
N ARG B 20 1.50 -12.43 14.85
CA ARG B 20 1.66 -11.73 13.59
C ARG B 20 0.29 -11.36 13.03
N PHE B 21 0.25 -10.30 12.23
CA PHE B 21 -0.97 -9.84 11.59
C PHE B 21 -0.73 -9.69 10.09
N ALA B 22 -1.78 -9.88 9.32
CA ALA B 22 -1.68 -9.84 7.86
C ALA B 22 -1.78 -8.41 7.35
N SER B 23 -1.10 -8.15 6.24
CA SER B 23 -1.33 -6.92 5.50
C SER B 23 -2.78 -6.90 5.02
N VAL B 24 -3.32 -5.70 4.85
CA VAL B 24 -4.75 -5.57 4.57
C VAL B 24 -5.13 -6.23 3.26
N TYR B 25 -4.24 -6.20 2.25
CA TYR B 25 -4.56 -6.81 0.97
C TYR B 25 -4.70 -8.32 1.08
N ALA B 26 -4.01 -8.93 2.04
CA ALA B 26 -4.08 -10.37 2.25
C ALA B 26 -4.65 -10.69 3.63
N TRP B 27 -5.79 -10.08 3.95
CA TRP B 27 -6.39 -10.23 5.27
C TRP B 27 -6.63 -11.70 5.60
N ASN B 28 -6.39 -12.04 6.86
CA ASN B 28 -6.63 -13.40 7.35
C ASN B 28 -8.06 -13.55 7.83
N ARG B 29 -8.63 -14.73 7.64
CA ARG B 29 -9.97 -15.04 8.09
C ARG B 29 -9.95 -16.33 8.88
N LYS B 30 -10.59 -16.32 10.05
CA LYS B 30 -10.80 -17.51 10.86
C LYS B 30 -12.27 -17.58 11.25
N ARG B 31 -12.89 -18.71 10.99
CA ARG B 31 -14.32 -18.87 11.24
C ARG B 31 -14.54 -19.46 12.62
N ILE B 32 -15.61 -19.00 13.28
CA ILE B 32 -15.87 -19.31 14.68
C ILE B 32 -17.24 -19.99 14.76
N SER B 33 -17.30 -21.14 15.42
CA SER B 33 -18.53 -21.91 15.54
C SER B 33 -18.37 -22.96 16.63
N ASN B 34 -19.52 -23.57 16.98
CA ASN B 34 -19.59 -24.61 18.00
C ASN B 34 -18.98 -24.14 19.31
N CYS B 35 -19.36 -22.94 19.75
CA CYS B 35 -18.76 -22.39 20.97
C CYS B 35 -19.72 -21.34 21.52
N VAL B 36 -19.26 -20.63 22.54
CA VAL B 36 -20.06 -19.62 23.23
C VAL B 36 -19.20 -18.37 23.40
N ALA B 37 -19.80 -17.21 23.13
CA ALA B 37 -19.08 -15.95 23.12
C ALA B 37 -19.76 -14.94 24.04
N ASP B 38 -18.99 -14.38 24.96
CA ASP B 38 -19.41 -13.25 25.78
C ASP B 38 -18.78 -12.01 25.16
N TYR B 39 -19.59 -11.16 24.54
CA TYR B 39 -19.04 -9.99 23.88
C TYR B 39 -18.76 -8.85 24.86
N SER B 40 -19.37 -8.88 26.05
CA SER B 40 -19.07 -7.87 27.06
C SER B 40 -17.71 -8.13 27.68
N VAL B 41 -17.34 -9.40 27.88
CA VAL B 41 -16.02 -9.70 28.42
C VAL B 41 -14.94 -9.26 27.45
N LEU B 42 -15.24 -9.27 26.15
CA LEU B 42 -14.23 -8.92 25.16
C LEU B 42 -14.15 -7.42 24.93
N TYR B 43 -15.24 -6.69 25.17
CA TYR B 43 -15.18 -5.23 25.10
C TYR B 43 -14.10 -4.69 26.04
N ASN B 44 -14.16 -5.08 27.32
CA ASN B 44 -13.19 -4.66 28.31
C ASN B 44 -11.97 -5.57 28.36
N SER B 45 -11.90 -6.59 27.51
CA SER B 45 -10.73 -7.46 27.46
C SER B 45 -9.45 -6.66 27.32
N ALA B 46 -9.47 -5.65 26.46
CA ALA B 46 -8.37 -4.71 26.31
C ALA B 46 -8.98 -3.38 25.90
N SER B 47 -8.31 -2.29 26.24
CA SER B 47 -8.82 -0.98 25.85
C SER B 47 -8.67 -0.83 24.34
N PHE B 48 -9.80 -0.93 23.62
CA PHE B 48 -9.79 -0.93 22.17
C PHE B 48 -9.92 0.49 21.64
N SER B 49 -9.26 0.76 20.52
CA SER B 49 -9.42 2.08 19.92
C SER B 49 -10.86 2.27 19.47
N THR B 50 -11.37 1.37 18.62
CA THR B 50 -12.69 1.48 18.05
C THR B 50 -13.42 0.16 18.24
N PHE B 51 -14.70 0.24 18.60
CA PHE B 51 -15.52 -0.94 18.84
C PHE B 51 -16.96 -0.56 18.48
N LYS B 52 -17.28 -0.69 17.20
CA LYS B 52 -18.56 -0.26 16.66
C LYS B 52 -19.17 -1.40 15.85
N CYS B 53 -20.49 -1.32 15.67
CA CYS B 53 -21.26 -2.39 15.01
C CYS B 53 -22.31 -1.79 14.09
N TYR B 54 -22.75 -2.61 13.13
CA TYR B 54 -23.71 -2.22 12.11
C TYR B 54 -24.80 -3.27 12.01
N GLY B 55 -26.04 -2.82 11.80
CA GLY B 55 -27.19 -3.71 11.77
C GLY B 55 -27.50 -4.44 13.06
N VAL B 56 -26.62 -4.33 14.07
CA VAL B 56 -26.84 -4.87 15.40
C VAL B 56 -26.25 -3.85 16.37
N SER B 57 -26.55 -3.99 17.66
CA SER B 57 -26.03 -3.00 18.57
C SER B 57 -25.23 -3.69 19.68
N PRO B 58 -24.15 -3.06 20.16
CA PRO B 58 -23.20 -3.78 21.03
C PRO B 58 -23.81 -4.28 22.33
N THR B 59 -24.76 -3.54 22.91
CA THR B 59 -25.30 -3.94 24.21
C THR B 59 -26.07 -5.25 24.12
N LYS B 60 -26.79 -5.46 23.01
CA LYS B 60 -27.61 -6.65 22.86
C LYS B 60 -26.82 -7.88 22.43
N LEU B 61 -25.51 -7.75 22.22
CA LEU B 61 -24.74 -8.77 21.50
C LEU B 61 -24.87 -10.14 22.15
N ASN B 62 -24.95 -10.21 23.47
CA ASN B 62 -25.02 -11.50 24.14
C ASN B 62 -26.38 -12.17 23.93
N ASP B 63 -27.43 -11.37 23.67
CA ASP B 63 -28.76 -11.94 23.51
C ASP B 63 -28.92 -12.65 22.17
N LEU B 64 -28.14 -12.26 21.17
CA LEU B 64 -28.25 -12.84 19.84
C LEU B 64 -27.61 -14.21 19.77
N CYS B 65 -27.71 -14.82 18.59
CA CYS B 65 -27.28 -16.20 18.32
C CYS B 65 -27.12 -16.34 16.81
N PHE B 66 -25.99 -16.90 16.39
CA PHE B 66 -25.70 -16.94 14.96
C PHE B 66 -25.23 -18.32 14.54
N THR B 67 -25.45 -18.63 13.26
CA THR B 67 -25.01 -19.90 12.71
C THR B 67 -23.49 -19.95 12.57
N ASN B 68 -22.88 -18.87 12.07
CA ASN B 68 -21.45 -18.80 11.92
C ASN B 68 -20.98 -17.36 12.17
N VAL B 69 -19.75 -17.23 12.64
CA VAL B 69 -19.11 -15.95 12.86
C VAL B 69 -17.72 -16.01 12.24
N TYR B 70 -17.40 -15.02 11.41
CA TYR B 70 -16.11 -14.96 10.73
C TYR B 70 -15.30 -13.81 11.30
N ALA B 71 -14.04 -14.08 11.63
CA ALA B 71 -13.13 -13.08 12.19
C ALA B 71 -12.06 -12.77 11.16
N ASP B 72 -12.08 -11.54 10.64
CA ASP B 72 -11.09 -11.07 9.67
C ASP B 72 -10.15 -10.08 10.35
N SER B 73 -8.85 -10.24 10.12
CA SER B 73 -7.84 -9.45 10.80
C SER B 73 -6.81 -8.94 9.80
N PHE B 74 -6.32 -7.71 10.05
CA PHE B 74 -5.33 -7.07 9.20
C PHE B 74 -4.84 -5.80 9.89
N VAL B 75 -3.92 -5.10 9.23
CA VAL B 75 -3.31 -3.89 9.75
C VAL B 75 -3.43 -2.79 8.69
N ILE B 76 -3.86 -1.60 9.11
CA ILE B 76 -3.94 -0.41 8.27
C ILE B 76 -3.52 0.80 9.08
N ARG B 77 -3.50 1.96 8.44
CA ARG B 77 -3.32 3.22 9.15
C ARG B 77 -4.54 3.53 10.00
N GLY B 78 -4.34 4.36 11.02
CA GLY B 78 -5.47 4.87 11.76
C GLY B 78 -6.39 5.71 10.91
N ASP B 79 -5.83 6.40 9.90
CA ASP B 79 -6.61 7.20 8.98
C ASP B 79 -7.65 6.38 8.21
N GLU B 80 -7.46 5.07 8.13
CA GLU B 80 -8.25 4.23 7.25
C GLU B 80 -9.22 3.31 8.00
N VAL B 81 -9.38 3.50 9.31
CA VAL B 81 -10.41 2.75 10.03
C VAL B 81 -11.79 3.22 9.59
N ARG B 82 -11.91 4.47 9.15
CA ARG B 82 -13.19 4.96 8.65
C ARG B 82 -13.66 4.19 7.44
N GLN B 83 -12.73 3.65 6.65
CA GLN B 83 -13.08 2.90 5.46
C GLN B 83 -13.56 1.50 5.78
N ILE B 84 -13.24 0.96 6.95
CA ILE B 84 -13.73 -0.36 7.35
C ILE B 84 -15.16 -0.19 7.85
N ALA B 85 -16.08 0.05 6.92
CA ALA B 85 -17.48 0.31 7.24
C ALA B 85 -18.29 0.14 5.97
N PRO B 86 -19.59 -0.13 6.08
CA PRO B 86 -20.41 -0.28 4.87
C PRO B 86 -20.50 1.02 4.10
N GLY B 87 -20.57 0.89 2.78
CA GLY B 87 -20.79 2.04 1.91
C GLY B 87 -19.73 3.12 2.03
N GLN B 88 -18.47 2.73 2.14
CA GLN B 88 -17.37 3.68 2.21
C GLN B 88 -16.48 3.55 0.97
N THR B 89 -15.86 4.65 0.60
CA THR B 89 -14.98 4.74 -0.56
C THR B 89 -13.56 4.99 -0.09
N GLY B 90 -12.59 4.56 -0.90
CA GLY B 90 -11.19 4.77 -0.59
C GLY B 90 -10.37 3.57 -1.03
N LYS B 91 -9.04 3.74 -1.07
CA LYS B 91 -8.17 2.70 -1.59
C LYS B 91 -8.31 1.39 -0.81
N ILE B 92 -8.52 1.49 0.51
CA ILE B 92 -8.65 0.29 1.32
C ILE B 92 -9.99 -0.40 1.04
N ALA B 93 -11.07 0.38 1.00
CA ALA B 93 -12.38 -0.20 0.76
C ALA B 93 -12.56 -0.59 -0.70
N ASP B 94 -11.97 0.17 -1.63
CA ASP B 94 -12.12 -0.13 -3.04
C ASP B 94 -11.25 -1.30 -3.47
N TYR B 95 -10.05 -1.43 -2.91
CA TYR B 95 -9.05 -2.36 -3.44
C TYR B 95 -8.55 -3.41 -2.46
N ASN B 96 -8.92 -3.35 -1.18
CA ASN B 96 -8.33 -4.27 -0.21
C ASN B 96 -9.37 -5.04 0.60
N TYR B 97 -10.27 -4.32 1.27
CA TYR B 97 -11.27 -4.96 2.11
C TYR B 97 -12.58 -4.19 1.97
N LYS B 98 -13.59 -4.83 1.40
CA LYS B 98 -14.89 -4.21 1.19
C LYS B 98 -15.94 -4.90 2.06
N LEU B 99 -16.69 -4.12 2.79
CA LEU B 99 -17.85 -4.63 3.49
C LEU B 99 -19.12 -4.33 2.70
N PRO B 100 -20.11 -5.21 2.72
CA PRO B 100 -21.33 -4.98 1.95
C PRO B 100 -22.16 -3.85 2.54
N ASP B 101 -23.09 -3.34 1.72
CA ASP B 101 -23.98 -2.28 2.19
C ASP B 101 -24.90 -2.78 3.30
N ASP B 102 -25.27 -4.06 3.27
CA ASP B 102 -26.11 -4.67 4.30
CA ASP B 102 -26.11 -4.68 4.28
C ASP B 102 -25.30 -5.39 5.36
N PHE B 103 -24.10 -4.88 5.66
CA PHE B 103 -23.21 -5.55 6.60
C PHE B 103 -23.83 -5.58 7.99
N THR B 104 -23.82 -6.76 8.61
CA THR B 104 -24.25 -6.95 9.98
CA THR B 104 -24.25 -6.94 9.99
C THR B 104 -23.09 -7.57 10.75
N GLY B 105 -22.50 -6.80 11.65
CA GLY B 105 -21.34 -7.25 12.40
C GLY B 105 -20.67 -6.06 13.06
N CYS B 106 -19.40 -6.25 13.43
CA CYS B 106 -18.69 -5.30 14.29
C CYS B 106 -17.27 -5.06 13.80
N VAL B 107 -16.83 -3.82 13.93
CA VAL B 107 -15.47 -3.42 13.62
C VAL B 107 -14.77 -3.08 14.93
N ILE B 108 -13.67 -3.79 15.21
CA ILE B 108 -12.88 -3.57 16.41
C ILE B 108 -11.44 -3.30 15.99
N ALA B 109 -10.87 -2.20 16.49
CA ALA B 109 -9.52 -1.80 16.13
C ALA B 109 -8.83 -1.23 17.36
N TRP B 110 -7.51 -1.30 17.38
CA TRP B 110 -6.72 -0.64 18.41
C TRP B 110 -5.39 -0.18 17.82
N ASN B 111 -4.81 0.85 18.44
CA ASN B 111 -3.52 1.36 18.00
C ASN B 111 -2.43 0.35 18.36
N SER B 112 -1.54 0.08 17.39
CA SER B 112 -0.50 -0.92 17.56
C SER B 112 0.88 -0.35 17.22
N ASN B 113 1.10 0.92 17.54
CA ASN B 113 2.41 1.53 17.27
C ASN B 113 3.52 0.79 18.01
N ASN B 114 3.22 0.28 19.21
CA ASN B 114 4.25 -0.38 20.01
C ASN B 114 4.65 -1.73 19.44
N LEU B 115 3.80 -2.36 18.63
CA LEU B 115 4.12 -3.66 18.04
C LEU B 115 4.58 -3.55 16.60
N ASP B 116 3.91 -2.74 15.78
CA ASP B 116 4.09 -2.77 14.34
C ASP B 116 4.99 -1.66 13.80
N SER B 117 5.25 -0.62 14.58
CA SER B 117 6.25 0.37 14.18
C SER B 117 7.62 -0.03 14.73
N LYS B 118 8.66 0.59 14.19
CA LYS B 118 10.02 0.22 14.53
C LYS B 118 10.95 1.37 14.18
N VAL B 119 12.04 1.51 14.93
CA VAL B 119 12.99 2.57 14.66
C VAL B 119 13.65 2.33 13.32
N GLY B 120 13.77 3.39 12.53
CA GLY B 120 14.15 3.27 11.14
C GLY B 120 13.02 2.93 10.20
N GLY B 121 11.80 2.76 10.72
CA GLY B 121 10.65 2.45 9.89
C GLY B 121 10.39 0.97 9.73
N ASN B 122 9.11 0.59 9.70
CA ASN B 122 8.69 -0.78 9.39
C ASN B 122 7.90 -0.73 8.09
N TYR B 123 8.41 -1.40 7.07
CA TYR B 123 7.82 -1.40 5.74
C TYR B 123 7.29 -2.77 5.33
N ASN B 124 7.07 -3.65 6.31
CA ASN B 124 6.66 -5.02 6.01
C ASN B 124 5.18 -5.13 5.66
N TYR B 125 4.36 -4.18 6.09
CA TYR B 125 2.94 -4.21 5.78
C TYR B 125 2.67 -3.56 4.44
N LEU B 126 1.75 -4.15 3.68
CA LEU B 126 1.45 -3.72 2.33
C LEU B 126 -0.04 -3.46 2.18
N TYR B 127 -0.38 -2.69 1.15
CA TYR B 127 -1.75 -2.53 0.72
C TYR B 127 -1.78 -2.41 -0.79
N ARG B 128 -2.83 -2.96 -1.40
CA ARG B 128 -2.98 -2.89 -2.85
C ARG B 128 -3.22 -1.45 -3.26
N LEU B 129 -2.42 -0.98 -4.22
CA LEU B 129 -2.46 0.40 -4.68
C LEU B 129 -3.29 0.59 -5.94
N PHE B 130 -3.38 -0.44 -6.78
CA PHE B 130 -4.10 -0.36 -8.03
C PHE B 130 -4.90 -1.62 -8.25
N ARG B 131 -6.08 -1.46 -8.85
CA ARG B 131 -6.87 -2.59 -9.33
C ARG B 131 -7.73 -2.10 -10.48
N LYS B 132 -8.00 -2.99 -11.43
CA LYS B 132 -8.86 -2.58 -12.54
C LYS B 132 -10.32 -2.42 -12.13
N SER B 133 -10.74 -3.08 -11.04
CA SER B 133 -12.10 -2.98 -10.53
C SER B 133 -12.07 -2.67 -9.05
N ASN B 134 -13.20 -2.20 -8.53
CA ASN B 134 -13.42 -2.15 -7.10
C ASN B 134 -13.74 -3.56 -6.60
N LEU B 135 -13.28 -3.85 -5.38
CA LEU B 135 -13.51 -5.16 -4.81
C LEU B 135 -15.00 -5.38 -4.54
N LYS B 136 -15.44 -6.62 -4.73
CA LYS B 136 -16.77 -7.01 -4.29
C LYS B 136 -16.70 -7.41 -2.82
N PRO B 137 -17.84 -7.37 -2.10
CA PRO B 137 -17.80 -7.62 -0.66
C PRO B 137 -17.14 -8.94 -0.30
N PHE B 138 -16.18 -8.87 0.63
CA PHE B 138 -15.43 -10.01 1.15
C PHE B 138 -14.57 -10.68 0.08
N GLU B 139 -14.25 -9.95 -0.98
CA GLU B 139 -13.27 -10.41 -1.97
C GLU B 139 -11.86 -10.21 -1.43
N ARG B 140 -10.94 -11.07 -1.88
CA ARG B 140 -9.57 -11.07 -1.37
C ARG B 140 -8.64 -11.28 -2.56
N ASP B 141 -7.98 -10.22 -3.00
CA ASP B 141 -7.09 -10.25 -4.15
C ASP B 141 -5.64 -10.16 -3.68
N ILE B 142 -4.88 -11.23 -3.87
CA ILE B 142 -3.48 -11.24 -3.50
C ILE B 142 -2.62 -11.44 -4.75
N SER B 143 -3.13 -11.01 -5.90
CA SER B 143 -2.40 -11.12 -7.15
C SER B 143 -1.23 -10.12 -7.18
N THR B 144 -0.17 -10.51 -7.89
CA THR B 144 1.04 -9.70 -7.98
C THR B 144 1.30 -9.20 -9.40
N GLU B 145 0.30 -9.26 -10.28
CA GLU B 145 0.54 -9.05 -11.70
C GLU B 145 0.48 -7.57 -12.07
N ILE B 146 1.53 -7.14 -12.77
CA ILE B 146 1.77 -5.78 -13.24
C ILE B 146 0.49 -5.08 -13.69
N TYR B 147 0.22 -3.92 -13.08
CA TYR B 147 -0.96 -3.13 -13.43
C TYR B 147 -0.63 -2.19 -14.58
N GLN B 148 -1.46 -2.21 -15.62
CA GLN B 148 -1.29 -1.33 -16.77
C GLN B 148 -2.24 -0.15 -16.64
N ALA B 149 -1.67 1.05 -16.56
CA ALA B 149 -2.43 2.29 -16.41
C ALA B 149 -2.23 3.14 -17.65
N GLY B 150 -3.25 3.23 -18.48
CA GLY B 150 -3.18 4.03 -19.69
C GLY B 150 -3.22 3.15 -20.94
N SER B 151 -2.97 3.80 -22.07
CA SER B 151 -3.18 3.14 -23.36
C SER B 151 -2.09 2.12 -23.66
N THR B 152 -0.83 2.52 -23.53
CA THR B 152 0.26 1.65 -23.93
C THR B 152 0.26 0.38 -23.08
N PRO B 153 0.33 -0.80 -23.69
CA PRO B 153 0.34 -2.04 -22.90
C PRO B 153 1.72 -2.27 -22.30
N CYS B 154 1.77 -3.25 -21.41
CA CYS B 154 2.97 -3.49 -20.64
C CYS B 154 3.28 -4.98 -20.50
N ASN B 155 2.38 -5.86 -20.94
CA ASN B 155 2.66 -7.30 -20.99
C ASN B 155 3.92 -7.54 -21.81
N GLY B 156 5.07 -7.53 -21.14
CA GLY B 156 6.36 -7.71 -21.79
C GLY B 156 7.01 -6.44 -22.28
N VAL B 157 6.21 -5.41 -22.60
CA VAL B 157 6.78 -4.15 -23.08
C VAL B 157 7.53 -3.43 -21.96
N GLU B 158 6.99 -3.49 -20.73
CA GLU B 158 7.63 -2.91 -19.56
CA GLU B 158 7.56 -2.90 -19.53
C GLU B 158 7.80 -1.39 -19.69
N GLY B 159 6.73 -0.70 -20.09
CA GLY B 159 6.76 0.74 -20.20
C GLY B 159 6.68 1.43 -18.84
N PHE B 160 6.70 2.77 -18.88
CA PHE B 160 6.72 3.55 -17.66
C PHE B 160 5.40 3.43 -16.89
N ASN B 161 4.29 3.48 -17.60
CA ASN B 161 2.95 3.56 -17.00
CA ASN B 161 2.98 3.57 -16.95
C ASN B 161 2.46 2.22 -16.48
N CYS B 162 3.34 1.37 -15.99
CA CYS B 162 2.98 0.02 -15.59
C CYS B 162 3.57 -0.24 -14.22
N TYR B 163 2.71 -0.50 -13.24
CA TYR B 163 3.06 -0.40 -11.84
C TYR B 163 2.93 -1.75 -11.16
N PHE B 164 3.86 -2.03 -10.25
CA PHE B 164 3.70 -3.18 -9.37
C PHE B 164 2.55 -2.88 -8.41
N PRO B 165 1.56 -3.77 -8.28
CA PRO B 165 0.29 -3.37 -7.65
C PRO B 165 0.39 -3.06 -6.16
N LEU B 166 1.25 -3.73 -5.40
CA LEU B 166 1.28 -3.56 -3.95
C LEU B 166 2.25 -2.47 -3.52
N GLN B 167 1.86 -1.71 -2.49
CA GLN B 167 2.67 -0.63 -1.95
C GLN B 167 2.80 -0.78 -0.44
N SER B 168 4.00 -0.50 0.08
CA SER B 168 4.32 -0.69 1.48
C SER B 168 3.89 0.49 2.32
N TYR B 169 3.31 0.21 3.49
CA TYR B 169 3.15 1.23 4.51
C TYR B 169 4.51 1.61 5.09
N GLY B 170 4.62 2.86 5.54
CA GLY B 170 5.84 3.31 6.18
C GLY B 170 5.61 3.74 7.62
N PHE B 171 5.76 2.82 8.56
CA PHE B 171 5.38 3.05 9.95
C PHE B 171 6.60 3.53 10.75
N GLN B 172 6.69 4.85 10.94
CA GLN B 172 7.70 5.39 11.83
C GLN B 172 7.11 5.57 13.23
N PRO B 173 7.91 5.36 14.28
CA PRO B 173 7.37 5.51 15.64
C PRO B 173 6.96 6.93 15.97
N THR B 174 7.58 7.92 15.35
CA THR B 174 7.28 9.33 15.63
C THR B 174 6.17 9.89 14.75
N ASN B 175 5.53 9.04 13.94
CA ASN B 175 4.49 9.51 13.04
C ASN B 175 3.30 10.08 13.81
N GLY B 176 2.54 10.93 13.13
CA GLY B 176 1.26 11.34 13.66
C GLY B 176 0.33 10.16 13.86
N VAL B 177 -0.69 10.37 14.70
CA VAL B 177 -1.55 9.26 15.08
C VAL B 177 -2.26 8.66 13.87
N GLY B 178 -2.61 9.49 12.88
CA GLY B 178 -3.31 8.98 11.71
C GLY B 178 -2.48 8.05 10.86
N TYR B 179 -1.16 8.29 10.81
CA TYR B 179 -0.25 7.43 10.06
C TYR B 179 0.19 6.21 10.85
N GLN B 180 -0.25 6.06 12.08
CA GLN B 180 0.27 4.97 12.88
C GLN B 180 -0.51 3.68 12.62
N PRO B 181 0.14 2.52 12.77
CA PRO B 181 -0.53 1.27 12.45
C PRO B 181 -1.62 0.92 13.45
N TYR B 182 -2.70 0.36 12.93
CA TYR B 182 -3.81 -0.09 13.77
C TYR B 182 -4.16 -1.52 13.38
N ARG B 183 -4.16 -2.41 14.36
CA ARG B 183 -4.66 -3.77 14.13
C ARG B 183 -6.18 -3.74 14.20
N VAL B 184 -6.83 -4.39 13.23
CA VAL B 184 -8.28 -4.33 13.08
C VAL B 184 -8.83 -5.75 13.03
N VAL B 185 -9.92 -5.97 13.75
CA VAL B 185 -10.67 -7.22 13.72
C VAL B 185 -12.10 -6.89 13.34
N VAL B 186 -12.63 -7.60 12.34
CA VAL B 186 -14.01 -7.44 11.91
C VAL B 186 -14.72 -8.78 12.10
N LEU B 187 -15.73 -8.77 12.96
CA LEU B 187 -16.56 -9.95 13.19
C LEU B 187 -17.82 -9.81 12.34
N SER B 188 -17.94 -10.64 11.31
CA SER B 188 -19.14 -10.68 10.48
C SER B 188 -20.08 -11.74 11.03
N PHE B 189 -21.33 -11.36 11.27
CA PHE B 189 -22.33 -12.25 11.85
C PHE B 189 -23.16 -12.85 10.73
N GLU B 190 -22.72 -13.99 10.22
CA GLU B 190 -23.51 -14.73 9.25
C GLU B 190 -24.67 -15.42 9.98
N LEU B 191 -25.89 -15.19 9.48
CA LEU B 191 -27.08 -15.85 10.02
C LEU B 191 -27.80 -16.53 8.87
N LEU B 192 -27.99 -17.83 8.98
CA LEU B 192 -28.48 -18.67 7.90
C LEU B 192 -29.77 -19.36 8.32
N HIS B 193 -30.32 -20.15 7.38
CA HIS B 193 -31.52 -20.94 7.65
C HIS B 193 -31.19 -22.25 8.37
N ALA B 194 -29.91 -22.59 8.47
CA ALA B 194 -29.45 -23.75 9.23
C ALA B 194 -29.33 -23.37 10.71
N PRO B 195 -29.22 -24.34 11.61
CA PRO B 195 -29.27 -24.03 13.05
C PRO B 195 -28.07 -23.21 13.51
N ALA B 196 -28.26 -22.56 14.66
CA ALA B 196 -27.25 -21.69 15.24
C ALA B 196 -26.21 -22.50 16.00
N THR B 197 -24.95 -22.04 15.94
CA THR B 197 -23.85 -22.71 16.62
C THR B 197 -23.09 -21.83 17.60
N VAL B 198 -23.28 -20.51 17.57
CA VAL B 198 -22.54 -19.60 18.46
C VAL B 198 -23.52 -18.62 19.08
N CYS B 199 -23.38 -18.42 20.39
CA CYS B 199 -24.42 -17.84 21.23
C CYS B 199 -23.79 -17.13 22.42
N GLY B 200 -24.52 -16.15 22.93
CA GLY B 200 -24.16 -15.53 24.18
C GLY B 200 -24.78 -16.28 25.35
N PRO B 201 -24.18 -16.15 26.54
CA PRO B 201 -24.65 -16.83 27.76
C PRO B 201 -26.14 -16.64 28.04
C1 NAG C . -5.00 -11.32 25.46
C2 NAG C . -6.30 -11.77 26.12
C3 NAG C . -6.50 -11.05 27.45
C4 NAG C . -5.28 -11.24 28.34
C5 NAG C . -4.02 -10.81 27.60
C6 NAG C . -2.74 -11.12 28.35
C7 NAG C . -8.33 -12.49 24.94
C8 NAG C . -8.12 -13.84 25.59
N2 NAG C . -7.44 -11.55 25.24
O3 NAG C . -7.66 -11.55 28.10
O4 NAG C . -5.42 -10.52 29.56
O5 NAG C . -3.92 -11.51 26.36
O6 NAG C . -1.73 -11.60 27.48
O7 NAG C . -9.28 -12.28 24.19
C1 NAG C . -5.25 -11.56 30.56
C2 NAG C . -4.96 -10.98 31.95
C3 NAG C . -4.82 -12.12 32.97
C4 NAG C . -6.01 -13.06 32.90
C5 NAG C . -6.28 -13.50 31.45
C6 NAG C . -7.54 -14.31 31.31
C7 NAG C . -3.72 -8.88 31.58
C8 NAG C . -2.39 -8.21 31.63
N2 NAG C . -3.75 -10.17 31.95
O3 NAG C . -4.71 -11.57 34.28
O4 NAG C . -5.76 -14.22 33.68
O5 NAG C . -6.44 -12.35 30.62
O6 NAG C . -7.51 -15.48 32.12
O7 NAG C . -4.74 -8.29 31.22
C1 FUC C . -1.35 -13.00 27.68
C2 FUC C . -0.52 -13.14 29.05
C3 FUC C . -1.35 -13.72 30.21
C4 FUC C . -2.01 -15.00 29.75
C5 FUC C . -3.06 -14.63 28.70
C6 FUC C . -3.79 -15.85 28.16
O2 FUC C . 0.11 -11.93 29.43
O3 FUC C . -0.49 -14.05 31.30
O4 FUC C . -1.05 -15.88 29.18
O5 FUC C . -2.50 -13.92 27.55
C1 GOL D . -3.83 -4.28 22.76
O1 GOL D . -4.72 -3.21 22.89
C2 GOL D . -4.60 -5.54 23.23
O2 GOL D . -3.89 -6.31 24.13
C3 GOL D . -4.95 -6.31 21.93
O3 GOL D . -5.70 -7.43 22.33
#